data_5U3P
#
_entry.id   5U3P
#
_cell.length_a   42.486
_cell.length_b   48.163
_cell.length_c   57.129
_cell.angle_alpha   86.140
_cell.angle_beta   82.320
_cell.angle_gamma   82.290
#
_symmetry.space_group_name_H-M   'P 1'
#
loop_
_entity.id
_entity.type
_entity.pdbx_description
1 polymer 'DH511.4 Fab Heavy Chain'
2 polymer 'DH511.4 Fab Light Chain'
3 water water
#
loop_
_entity_poly.entity_id
_entity_poly.type
_entity_poly.pdbx_seq_one_letter_code
_entity_poly.pdbx_strand_id
1 'polypeptide(L)'
;EVQLVESGGGLIKPGQSLTLFCVGFGFNFANDWMGWVRQAPGKGLEWVGRIRRLKDGAKAEYGSSVKGRFTISRDDSKNT
LYLHMSSLKVEDTAVYYCTRDEGAPVTRFLEWGSYYYYMAVWGKGTTVTVSSASTKGPSVFPLAPSSKSTSGGTAALGCL
VKDYFPEPVTVSWNSGALTSGVHTFPAVLQSSGLYSLSSVVTVPSSSLGTQTYICNVNHKPSNTKVDKRVEP
;
H
2 'polypeptide(L)'
;DIQLTQSPASLSASVGDTVTITCRASQSIKDYINWYQHKSGSAPRLLIYAASTLQSGISSRFTGSGSGTQFTLTINSLQP
EDFATYYCQEAYNTNPTLSFGQGTRVDKKRTVAAPSVFIFPPSDEQLKSGTASVVCLLNNFYPREAKVQWKVDNALQSGN
SQESVTEQDSKDSTYSLSSTLTLSKADYEKHKVYACEVTHQGLSSPVTKSFNRG
;
L
#
# COMPACT_ATOMS: atom_id res chain seq x y z
N GLU A 1 -17.88 -23.60 -1.56
CA GLU A 1 -17.82 -22.51 -2.53
C GLU A 1 -18.40 -21.22 -1.95
N VAL A 2 -17.86 -20.80 -0.81
CA VAL A 2 -18.28 -19.53 -0.21
C VAL A 2 -17.64 -18.37 -0.96
N GLN A 3 -18.47 -17.47 -1.46
CA GLN A 3 -18.02 -16.37 -2.28
C GLN A 3 -18.70 -15.07 -1.84
N LEU A 4 -17.94 -13.98 -1.78
CA LEU A 4 -18.47 -12.65 -1.46
C LEU A 4 -18.00 -11.70 -2.55
N VAL A 5 -18.93 -10.93 -3.12
CA VAL A 5 -18.57 -9.99 -4.17
C VAL A 5 -19.11 -8.59 -3.90
N GLU A 6 -18.20 -7.66 -3.64
CA GLU A 6 -18.53 -6.27 -3.39
C GLU A 6 -18.68 -5.48 -4.67
N SER A 7 -19.57 -4.50 -4.63
CA SER A 7 -19.74 -3.58 -5.75
C SER A 7 -20.22 -2.21 -5.23
N GLY A 8 -20.33 -1.24 -6.12
CA GLY A 8 -20.82 0.07 -5.75
C GLY A 8 -19.72 1.11 -5.64
N GLY A 9 -18.48 0.64 -5.63
CA GLY A 9 -17.34 1.53 -5.50
C GLY A 9 -17.19 2.48 -6.66
N GLY A 10 -16.34 3.48 -6.45
CA GLY A 10 -16.02 4.44 -7.49
C GLY A 10 -15.69 5.79 -6.89
N LEU A 11 -15.79 6.81 -7.72
CA LEU A 11 -15.48 8.16 -7.31
C LEU A 11 -16.70 8.82 -6.70
N ILE A 12 -16.49 9.63 -5.66
CA ILE A 12 -17.56 10.32 -4.98
C ILE A 12 -16.92 11.57 -4.36
N LYS A 13 -17.69 12.63 -4.15
CA LYS A 13 -17.13 13.87 -3.62
C LYS A 13 -17.34 13.94 -2.12
N PRO A 14 -16.45 14.68 -1.41
CA PRO A 14 -16.65 14.86 0.04
C PRO A 14 -18.02 15.44 0.36
N GLY A 15 -18.59 14.97 1.46
CA GLY A 15 -19.90 15.41 1.90
C GLY A 15 -21.04 14.58 1.33
N GLN A 16 -20.75 13.84 0.27
CA GLN A 16 -21.80 13.06 -0.41
C GLN A 16 -22.02 11.68 0.20
N SER A 17 -23.04 10.99 -0.32
CA SER A 17 -23.40 9.67 0.16
C SER A 17 -23.20 8.63 -0.94
N LEU A 18 -22.98 7.38 -0.53
CA LEU A 18 -22.73 6.29 -1.45
C LEU A 18 -23.10 5.00 -0.72
N THR A 19 -23.67 4.04 -1.46
CA THR A 19 -23.94 2.72 -0.89
C THR A 19 -23.09 1.66 -1.57
N LEU A 20 -22.46 0.82 -0.74
CA LEU A 20 -21.73 -0.34 -1.22
C LEU A 20 -22.57 -1.59 -0.99
N PHE A 21 -22.41 -2.56 -1.88
CA PHE A 21 -23.20 -3.78 -1.85
C PHE A 21 -22.26 -4.95 -1.75
N CYS A 22 -22.71 -6.02 -1.14
CA CYS A 22 -21.98 -7.27 -1.11
C CYS A 22 -22.97 -8.40 -1.24
N VAL A 23 -22.80 -9.22 -2.26
CA VAL A 23 -23.63 -10.39 -2.42
C VAL A 23 -22.86 -11.63 -2.00
N GLY A 24 -23.48 -12.46 -1.18
CA GLY A 24 -22.87 -13.70 -0.70
C GLY A 24 -23.39 -14.91 -1.46
N PHE A 25 -22.50 -15.83 -1.81
CA PHE A 25 -22.89 -17.05 -2.51
C PHE A 25 -22.35 -18.26 -1.74
N GLY A 26 -23.10 -19.36 -1.73
CA GLY A 26 -22.60 -20.63 -1.24
C GLY A 26 -22.70 -20.88 0.26
N PHE A 27 -23.44 -20.03 0.97
CA PHE A 27 -23.64 -20.24 2.40
C PHE A 27 -24.99 -19.71 2.84
N ASN A 28 -25.43 -20.13 4.03
CA ASN A 28 -26.67 -19.66 4.61
C ASN A 28 -26.50 -18.26 5.20
N PHE A 29 -26.62 -17.27 4.32
CA PHE A 29 -26.42 -15.85 4.64
C PHE A 29 -27.23 -15.40 5.85
N ALA A 30 -28.51 -15.79 5.91
CA ALA A 30 -29.39 -15.35 6.98
C ALA A 30 -28.90 -15.75 8.37
N ASN A 31 -28.11 -16.82 8.45
CA ASN A 31 -27.69 -17.32 9.75
C ASN A 31 -26.38 -16.75 10.26
N ASP A 32 -25.76 -15.86 9.49
CA ASP A 32 -24.41 -15.39 9.82
C ASP A 32 -24.25 -13.92 10.20
N TRP A 33 -23.28 -13.67 11.06
CA TRP A 33 -22.70 -12.35 11.21
C TRP A 33 -22.06 -11.94 9.91
N MET A 34 -22.20 -10.68 9.53
CA MET A 34 -21.60 -10.15 8.32
C MET A 34 -20.99 -8.81 8.65
N GLY A 35 -19.96 -8.42 7.93
CA GLY A 35 -19.32 -7.15 8.22
C GLY A 35 -18.50 -6.54 7.09
N TRP A 36 -17.76 -5.50 7.47
CA TRP A 36 -16.96 -4.71 6.54
C TRP A 36 -15.65 -4.30 7.19
N VAL A 37 -14.62 -4.26 6.37
N VAL A 37 -14.57 -4.39 6.40
CA VAL A 37 -13.31 -3.80 6.80
CA VAL A 37 -13.22 -3.94 6.78
C VAL A 37 -12.78 -3.00 5.64
C VAL A 37 -12.70 -3.09 5.64
N ARG A 38 -11.84 -2.11 5.92
CA ARG A 38 -11.30 -1.29 4.84
C ARG A 38 -9.80 -1.13 4.94
N GLN A 39 -9.18 -0.72 3.83
CA GLN A 39 -7.74 -0.46 3.82
C GLN A 39 -7.48 0.77 2.96
N ALA A 40 -7.04 1.84 3.62
CA ALA A 40 -6.70 3.07 2.93
C ALA A 40 -5.37 2.87 2.20
N PRO A 41 -5.13 3.67 1.14
CA PRO A 41 -3.87 3.50 0.40
C PRO A 41 -2.65 3.66 1.27
N GLY A 42 -1.77 2.66 1.23
CA GLY A 42 -0.52 2.71 1.97
C GLY A 42 -0.68 2.43 3.46
N LYS A 43 -1.89 2.08 3.87
CA LYS A 43 -2.16 1.83 5.28
C LYS A 43 -2.55 0.37 5.55
N GLY A 44 -2.79 0.06 6.81
CA GLY A 44 -3.19 -1.30 7.20
C GLY A 44 -4.70 -1.51 7.18
N LEU A 45 -5.14 -2.67 7.66
CA LEU A 45 -6.57 -2.98 7.74
C LEU A 45 -7.23 -2.23 8.90
N GLU A 46 -8.51 -1.89 8.71
CA GLU A 46 -9.29 -1.15 9.68
C GLU A 46 -10.72 -1.64 9.67
N TRP A 47 -11.21 -2.08 10.82
CA TRP A 47 -12.57 -2.60 10.89
C TRP A 47 -13.58 -1.48 10.76
N VAL A 48 -14.61 -1.71 9.94
CA VAL A 48 -15.67 -0.71 9.71
C VAL A 48 -16.93 -1.02 10.52
N GLY A 49 -17.41 -2.25 10.45
CA GLY A 49 -18.57 -2.60 11.24
C GLY A 49 -19.07 -4.00 10.99
N ARG A 50 -20.11 -4.37 11.74
CA ARG A 50 -20.73 -5.68 11.59
C ARG A 50 -22.22 -5.59 11.87
N ILE A 51 -22.95 -6.61 11.42
CA ILE A 51 -24.36 -6.72 11.74
C ILE A 51 -24.70 -8.16 12.16
N ARG A 52 -25.49 -8.28 13.22
CA ARG A 52 -25.91 -9.57 13.73
C ARG A 52 -27.03 -10.18 12.86
N ARG A 53 -27.24 -11.48 12.98
CA ARG A 53 -28.33 -12.12 12.26
C ARG A 53 -29.68 -11.60 12.76
N LEU A 54 -30.68 -11.65 11.88
CA LEU A 54 -32.01 -11.17 12.21
C LEU A 54 -32.63 -11.86 13.42
N LYS A 55 -32.34 -13.16 13.59
CA LYS A 55 -32.95 -13.93 14.68
C LYS A 55 -32.52 -13.42 16.04
N ASP A 56 -31.40 -12.71 16.08
CA ASP A 56 -30.89 -12.16 17.33
C ASP A 56 -31.03 -10.64 17.38
N GLY A 57 -31.82 -10.08 16.47
CA GLY A 57 -32.13 -8.67 16.55
C GLY A 57 -31.45 -7.74 15.57
N ALA A 58 -30.47 -8.25 14.83
CA ALA A 58 -29.84 -7.53 13.73
C ALA A 58 -29.15 -6.23 14.14
N LYS A 59 -28.64 -6.17 15.37
CA LYS A 59 -27.92 -4.99 15.82
C LYS A 59 -26.66 -4.79 14.98
N ALA A 60 -26.45 -3.55 14.54
CA ALA A 60 -25.25 -3.20 13.82
C ALA A 60 -24.32 -2.44 14.76
N GLU A 61 -23.02 -2.71 14.63
CA GLU A 61 -22.01 -2.03 15.42
C GLU A 61 -20.90 -1.54 14.50
N TYR A 62 -20.19 -0.48 14.94
CA TYR A 62 -19.29 0.26 14.05
C TYR A 62 -17.93 0.55 14.65
N GLY A 63 -16.94 0.66 13.77
CA GLY A 63 -15.63 1.13 14.19
C GLY A 63 -15.65 2.59 14.56
N SER A 64 -14.69 3.02 15.37
CA SER A 64 -14.69 4.39 15.88
C SER A 64 -14.68 5.46 14.79
N SER A 65 -13.95 5.22 13.72
CA SER A 65 -13.79 6.23 12.65
C SER A 65 -15.06 6.50 11.83
N VAL A 66 -16.09 5.66 11.97
CA VAL A 66 -17.26 5.80 11.09
C VAL A 66 -18.61 5.88 11.79
N LYS A 67 -18.63 5.74 13.11
CA LYS A 67 -19.89 5.79 13.86
C LYS A 67 -20.58 7.13 13.64
N GLY A 68 -21.88 7.05 13.38
CA GLY A 68 -22.66 8.24 13.15
C GLY A 68 -22.73 8.63 11.68
N ARG A 69 -21.88 8.06 10.84
CA ARG A 69 -21.90 8.42 9.43
C ARG A 69 -22.33 7.27 8.50
N PHE A 70 -22.13 6.03 8.94
CA PHE A 70 -22.44 4.85 8.13
C PHE A 70 -23.57 4.03 8.76
N THR A 71 -24.32 3.32 7.92
CA THR A 71 -25.29 2.35 8.39
C THR A 71 -25.04 1.03 7.67
N ILE A 72 -24.94 -0.05 8.41
CA ILE A 72 -24.89 -1.37 7.79
C ILE A 72 -26.28 -1.99 7.88
N SER A 73 -26.74 -2.53 6.75
CA SER A 73 -28.03 -3.21 6.71
C SER A 73 -27.91 -4.51 5.92
N ARG A 74 -28.93 -5.35 6.02
CA ARG A 74 -28.91 -6.60 5.28
C ARG A 74 -30.28 -6.92 4.69
N ASP A 75 -30.28 -7.64 3.58
CA ASP A 75 -31.49 -8.18 2.98
C ASP A 75 -31.25 -9.67 2.78
N ASP A 76 -31.72 -10.46 3.74
CA ASP A 76 -31.46 -11.89 3.71
C ASP A 76 -32.12 -12.56 2.50
N SER A 77 -33.23 -12.00 2.03
CA SER A 77 -33.96 -12.57 0.89
C SER A 77 -33.14 -12.52 -0.40
N LYS A 78 -32.13 -11.65 -0.43
CA LYS A 78 -31.28 -11.49 -1.60
C LYS A 78 -29.81 -11.80 -1.29
N ASN A 79 -29.55 -12.37 -0.12
CA ASN A 79 -28.18 -12.60 0.36
C ASN A 79 -27.29 -11.38 0.18
N THR A 80 -27.82 -10.20 0.48
CA THR A 80 -27.10 -8.96 0.22
C THR A 80 -26.85 -8.15 1.50
N LEU A 81 -25.62 -7.69 1.63
CA LEU A 81 -25.19 -6.87 2.74
C LEU A 81 -24.93 -5.48 2.17
N TYR A 82 -25.30 -4.44 2.91
CA TYR A 82 -25.15 -3.05 2.46
C TYR A 82 -24.28 -2.26 3.41
N LEU A 83 -23.52 -1.33 2.84
CA LEU A 83 -22.85 -0.29 3.64
C LEU A 83 -23.34 1.03 3.10
N HIS A 84 -24.23 1.70 3.85
CA HIS A 84 -24.74 2.99 3.42
C HIS A 84 -23.87 4.06 4.04
N MET A 85 -23.14 4.78 3.21
CA MET A 85 -22.24 5.80 3.73
C MET A 85 -22.77 7.20 3.47
N SER A 86 -22.52 8.10 4.41
CA SER A 86 -22.88 9.50 4.24
C SER A 86 -21.77 10.37 4.83
N SER A 87 -21.86 11.68 4.58
CA SER A 87 -20.87 12.64 5.09
C SER A 87 -19.45 12.15 4.83
N LEU A 88 -19.20 11.72 3.59
CA LEU A 88 -17.90 11.14 3.26
C LEU A 88 -16.77 12.15 3.30
N LYS A 89 -15.60 11.70 3.71
CA LYS A 89 -14.43 12.56 3.75
C LYS A 89 -13.29 11.93 2.97
N VAL A 90 -12.30 12.73 2.59
CA VAL A 90 -11.17 12.22 1.81
C VAL A 90 -10.52 11.00 2.47
N GLU A 91 -10.42 11.01 3.80
CA GLU A 91 -9.81 9.89 4.52
C GLU A 91 -10.63 8.60 4.54
N ASP A 92 -11.83 8.62 3.96
CA ASP A 92 -12.61 7.40 3.77
C ASP A 92 -12.20 6.69 2.48
N THR A 93 -11.28 7.29 1.72
CA THR A 93 -10.76 6.67 0.53
C THR A 93 -10.07 5.36 0.90
N ALA A 94 -10.51 4.26 0.30
CA ALA A 94 -10.04 2.94 0.72
C ALA A 94 -10.62 1.84 -0.15
N VAL A 95 -9.99 0.67 -0.09
CA VAL A 95 -10.66 -0.55 -0.55
C VAL A 95 -11.53 -1.06 0.60
N TYR A 96 -12.80 -1.35 0.30
CA TYR A 96 -13.74 -1.88 1.27
C TYR A 96 -13.98 -3.35 0.99
N TYR A 97 -13.70 -4.18 1.98
CA TYR A 97 -13.90 -5.63 1.92
C TYR A 97 -15.14 -6.04 2.71
N CYS A 98 -15.97 -6.84 2.08
N CYS A 98 -16.03 -6.80 2.10
CA CYS A 98 -17.09 -7.50 2.74
CA CYS A 98 -17.10 -7.35 2.90
C CYS A 98 -16.56 -8.74 3.45
C CYS A 98 -16.67 -8.72 3.42
N THR A 99 -17.09 -9.04 4.64
CA THR A 99 -16.67 -10.25 5.34
C THR A 99 -17.84 -11.06 5.86
N ARG A 100 -17.69 -12.38 5.79
CA ARG A 100 -18.55 -13.29 6.53
C ARG A 100 -17.81 -13.59 7.84
N ASP A 101 -18.45 -13.27 8.96
CA ASP A 101 -17.79 -13.42 10.25
C ASP A 101 -18.37 -14.60 11.03
N GLU A 102 -17.63 -15.05 12.02
CA GLU A 102 -18.10 -16.07 12.95
C GLU A 102 -17.72 -15.72 14.38
N GLY A 103 -18.50 -16.24 15.32
CA GLY A 103 -18.14 -16.22 16.73
C GLY A 103 -18.03 -17.63 17.28
N ALA A 104 -16.84 -18.01 17.72
CA ALA A 104 -16.62 -19.33 18.32
C ALA A 104 -16.76 -19.21 19.83
N PRO A 105 -17.51 -20.14 20.44
CA PRO A 105 -17.73 -20.02 21.88
C PRO A 105 -16.46 -20.19 22.70
N VAL A 106 -16.28 -19.32 23.70
CA VAL A 106 -15.23 -19.50 24.71
C VAL A 106 -15.64 -20.63 25.63
N THR A 107 -14.72 -21.56 25.90
CA THR A 107 -15.06 -22.75 26.70
C THR A 107 -14.63 -22.72 28.17
N ARG A 108 -13.85 -21.71 28.56
CA ARG A 108 -13.56 -21.50 29.99
C ARG A 108 -14.87 -21.18 30.70
N PHE A 109 -15.15 -21.90 31.78
CA PHE A 109 -16.42 -21.83 32.48
C PHE A 109 -16.82 -20.41 32.92
N LEU A 110 -15.86 -19.67 33.49
CA LEU A 110 -16.14 -18.32 33.97
C LEU A 110 -16.38 -17.28 32.88
N GLU A 111 -16.11 -17.65 31.63
CA GLU A 111 -16.39 -16.76 30.51
C GLU A 111 -17.49 -17.32 29.61
N TRP A 112 -18.27 -18.26 30.12
CA TRP A 112 -19.35 -18.79 29.29
C TRP A 112 -20.30 -17.67 28.86
N GLY A 113 -20.73 -17.73 27.60
CA GLY A 113 -21.48 -16.65 27.03
C GLY A 113 -20.62 -15.75 26.15
N SER A 114 -19.31 -15.80 26.36
CA SER A 114 -18.39 -15.03 25.52
C SER A 114 -18.00 -15.79 24.25
N TYR A 115 -17.51 -15.06 23.25
CA TYR A 115 -17.12 -15.67 22.00
C TYR A 115 -15.89 -15.01 21.41
N TYR A 116 -15.17 -15.78 20.61
CA TYR A 116 -14.06 -15.29 19.81
C TYR A 116 -14.62 -14.87 18.45
N TYR A 117 -14.56 -13.58 18.13
CA TYR A 117 -15.11 -13.07 16.88
C TYR A 117 -14.02 -12.87 15.84
N TYR A 118 -14.23 -13.35 14.61
CA TYR A 118 -13.24 -13.22 13.56
C TYR A 118 -13.85 -13.08 12.18
N MET A 119 -13.08 -12.52 11.26
CA MET A 119 -13.52 -12.38 9.87
C MET A 119 -13.13 -13.63 9.10
N ALA A 120 -14.10 -14.51 8.85
CA ALA A 120 -13.78 -15.86 8.39
C ALA A 120 -13.54 -15.95 6.89
N VAL A 121 -14.31 -15.19 6.10
CA VAL A 121 -14.16 -15.16 4.66
C VAL A 121 -14.24 -13.71 4.23
N TRP A 122 -13.38 -13.33 3.29
CA TRP A 122 -13.32 -11.95 2.81
C TRP A 122 -13.54 -11.91 1.31
N GLY A 123 -14.20 -10.85 0.83
CA GLY A 123 -14.25 -10.59 -0.60
C GLY A 123 -12.97 -9.92 -1.08
N LYS A 124 -12.86 -9.73 -2.40
CA LYS A 124 -11.67 -9.12 -2.99
C LYS A 124 -11.63 -7.60 -2.82
N GLY A 125 -12.78 -6.99 -2.53
CA GLY A 125 -12.82 -5.58 -2.22
C GLY A 125 -13.34 -4.68 -3.35
N THR A 126 -13.95 -3.56 -2.96
CA THR A 126 -14.36 -2.53 -3.94
C THR A 126 -13.69 -1.22 -3.56
N THR A 127 -13.18 -0.49 -4.56
CA THR A 127 -12.42 0.72 -4.27
C THR A 127 -13.33 1.94 -4.24
N VAL A 128 -13.22 2.73 -3.17
CA VAL A 128 -13.91 4.01 -3.07
C VAL A 128 -12.88 5.11 -3.01
N THR A 129 -13.00 6.08 -3.91
CA THR A 129 -12.13 7.25 -3.87
C THR A 129 -12.99 8.48 -3.61
N VAL A 130 -12.71 9.15 -2.50
CA VAL A 130 -13.43 10.37 -2.12
C VAL A 130 -12.54 11.57 -2.40
N SER A 131 -12.94 12.41 -3.33
CA SER A 131 -12.11 13.52 -3.77
C SER A 131 -12.93 14.61 -4.43
N SER A 132 -12.49 15.85 -4.27
CA SER A 132 -13.14 16.95 -4.95
C SER A 132 -12.47 17.28 -6.29
N ALA A 133 -11.48 16.50 -6.68
CA ALA A 133 -10.80 16.76 -7.96
C ALA A 133 -11.64 16.48 -9.19
N SER A 134 -11.35 17.19 -10.27
CA SER A 134 -11.99 16.92 -11.54
C SER A 134 -11.00 16.25 -12.49
N THR A 135 -11.53 15.57 -13.49
CA THR A 135 -10.71 14.88 -14.48
C THR A 135 -9.66 15.82 -15.08
N LYS A 136 -8.42 15.35 -15.12
CA LYS A 136 -7.32 16.12 -15.67
C LYS A 136 -6.30 15.16 -16.26
N GLY A 137 -5.88 15.39 -17.48
CA GLY A 137 -4.87 14.58 -18.10
C GLY A 137 -3.48 14.97 -17.60
N PRO A 138 -2.51 14.07 -17.73
CA PRO A 138 -1.19 14.33 -17.17
C PRO A 138 -0.33 15.26 -18.01
N SER A 139 0.60 15.92 -17.34
CA SER A 139 1.69 16.62 -17.99
C SER A 139 2.88 15.68 -17.91
N VAL A 140 3.59 15.52 -19.02
CA VAL A 140 4.71 14.59 -19.08
C VAL A 140 6.01 15.36 -19.28
N PHE A 141 6.95 15.18 -18.36
CA PHE A 141 8.23 15.85 -18.42
C PHE A 141 9.35 14.84 -18.49
N PRO A 142 10.40 15.14 -19.25
CA PRO A 142 11.50 14.19 -19.35
C PRO A 142 12.35 14.18 -18.08
N LEU A 143 12.84 13.00 -17.72
CA LEU A 143 13.92 12.89 -16.76
C LEU A 143 15.16 12.57 -17.59
N ALA A 144 15.88 13.61 -17.99
CA ALA A 144 16.97 13.46 -18.95
C ALA A 144 18.22 12.82 -18.38
N PRO A 145 18.84 11.92 -19.16
CA PRO A 145 20.11 11.36 -18.70
C PRO A 145 21.19 12.43 -18.81
N SER A 146 21.99 12.56 -17.76
CA SER A 146 23.13 13.47 -17.76
C SER A 146 24.16 12.89 -16.81
N SER A 147 25.21 13.63 -16.50
CA SER A 147 26.26 13.13 -15.63
C SER A 147 25.76 12.84 -14.21
N LYS A 148 24.76 13.58 -13.77
CA LYS A 148 24.18 13.41 -12.43
C LYS A 148 23.28 12.18 -12.35
N SER A 149 22.87 11.67 -13.50
CA SER A 149 22.09 10.45 -13.52
C SER A 149 22.89 9.32 -14.17
N THR A 150 24.18 9.29 -13.86
CA THR A 150 25.05 8.18 -14.26
C THR A 150 25.64 7.49 -13.04
N SER A 151 25.58 6.16 -13.03
CA SER A 151 26.16 5.36 -11.95
C SER A 151 27.06 4.29 -12.58
N GLY A 152 28.36 4.36 -12.30
CA GLY A 152 29.30 3.54 -13.03
C GLY A 152 29.18 3.88 -14.50
N GLY A 153 29.02 2.86 -15.34
CA GLY A 153 28.83 3.10 -16.76
C GLY A 153 27.38 3.03 -17.20
N THR A 154 26.45 3.14 -16.24
CA THR A 154 25.01 3.05 -16.47
C THR A 154 24.37 4.42 -16.39
N ALA A 155 23.49 4.73 -17.35
CA ALA A 155 22.72 5.96 -17.31
C ALA A 155 21.25 5.65 -16.98
N ALA A 156 20.61 6.55 -16.25
CA ALA A 156 19.17 6.44 -16.00
C ALA A 156 18.46 7.54 -16.74
N LEU A 157 17.26 7.24 -17.22
CA LEU A 157 16.43 8.23 -17.89
C LEU A 157 14.99 7.86 -17.60
N GLY A 158 14.07 8.78 -17.85
CA GLY A 158 12.70 8.47 -17.56
C GLY A 158 11.73 9.55 -17.93
N CYS A 159 10.50 9.40 -17.47
N CYS A 159 10.50 9.41 -17.48
CA CYS A 159 9.45 10.39 -17.67
CA CYS A 159 9.50 10.44 -17.67
C CYS A 159 8.74 10.60 -16.34
C CYS A 159 8.69 10.61 -16.38
N LEU A 160 8.46 11.86 -16.03
CA LEU A 160 7.68 12.23 -14.87
C LEU A 160 6.28 12.53 -15.38
N VAL A 161 5.30 11.82 -14.83
CA VAL A 161 3.92 11.91 -15.27
C VAL A 161 3.13 12.56 -14.17
N LYS A 162 2.84 13.85 -14.32
CA LYS A 162 2.45 14.65 -13.18
C LYS A 162 1.05 15.24 -13.34
N ASP A 163 0.33 15.35 -12.22
CA ASP A 163 -0.87 16.16 -12.12
C ASP A 163 -2.04 15.62 -12.95
N TYR A 164 -2.39 14.36 -12.72
CA TYR A 164 -3.55 13.78 -13.39
C TYR A 164 -4.60 13.30 -12.40
N PHE A 165 -5.83 13.17 -12.87
CA PHE A 165 -6.90 12.61 -12.05
C PHE A 165 -7.99 12.09 -12.98
N PRO A 166 -8.57 10.93 -12.66
CA PRO A 166 -8.23 10.01 -11.57
C PRO A 166 -7.17 9.01 -12.06
N GLU A 167 -6.86 8.01 -11.23
CA GLU A 167 -6.04 6.91 -11.67
C GLU A 167 -6.86 6.08 -12.66
N PRO A 168 -6.18 5.33 -13.54
CA PRO A 168 -4.73 5.15 -13.63
C PRO A 168 -4.16 5.74 -14.90
N VAL A 169 -2.83 5.82 -14.96
CA VAL A 169 -2.13 6.03 -16.22
C VAL A 169 -1.34 4.75 -16.52
N THR A 170 -1.09 4.52 -17.80
CA THR A 170 -0.21 3.45 -18.20
C THR A 170 0.98 4.05 -18.93
N VAL A 171 2.15 3.44 -18.76
CA VAL A 171 3.37 3.90 -19.39
C VAL A 171 4.07 2.74 -20.07
N SER A 172 4.49 2.94 -21.31
CA SER A 172 5.40 2.01 -21.98
C SER A 172 6.56 2.80 -22.56
N TRP A 173 7.58 2.07 -23.03
CA TRP A 173 8.74 2.68 -23.65
C TRP A 173 8.92 2.12 -25.06
N ASN A 174 9.12 3.02 -26.03
CA ASN A 174 9.35 2.62 -27.41
C ASN A 174 8.27 1.68 -27.92
N SER A 175 7.02 2.02 -27.58
CA SER A 175 5.82 1.26 -27.97
C SER A 175 5.86 -0.20 -27.54
N GLY A 176 6.53 -0.45 -26.42
CA GLY A 176 6.58 -1.78 -25.85
C GLY A 176 7.83 -2.57 -26.22
N ALA A 177 8.66 -1.99 -27.09
CA ALA A 177 9.88 -2.65 -27.53
C ALA A 177 10.96 -2.62 -26.47
N LEU A 178 10.84 -1.70 -25.52
CA LEU A 178 11.79 -1.61 -24.42
C LEU A 178 11.12 -1.95 -23.08
N THR A 179 11.54 -3.07 -22.49
CA THR A 179 10.96 -3.52 -21.22
C THR A 179 12.04 -3.84 -20.21
N SER A 180 13.19 -4.30 -20.70
CA SER A 180 14.31 -4.62 -19.85
C SER A 180 14.82 -3.38 -19.11
N GLY A 181 14.83 -3.44 -17.79
CA GLY A 181 15.38 -2.37 -16.97
C GLY A 181 14.40 -1.24 -16.68
N VAL A 182 13.13 -1.43 -17.03
CA VAL A 182 12.12 -0.41 -16.81
C VAL A 182 11.49 -0.56 -15.44
N HIS A 183 11.31 0.56 -14.74
CA HIS A 183 10.49 0.56 -13.52
C HIS A 183 9.49 1.67 -13.61
N THR A 184 8.21 1.34 -13.52
CA THR A 184 7.17 2.33 -13.45
C THR A 184 6.61 2.29 -12.04
N PHE A 185 6.80 3.39 -11.31
CA PHE A 185 6.47 3.46 -9.90
C PHE A 185 4.98 3.59 -9.64
N PRO A 186 4.52 3.10 -8.48
CA PRO A 186 3.12 3.34 -8.10
C PRO A 186 2.88 4.85 -7.97
N ALA A 187 1.65 5.27 -8.28
CA ALA A 187 1.34 6.68 -8.21
C ALA A 187 1.28 7.14 -6.76
N VAL A 188 1.54 8.42 -6.56
N VAL A 188 1.60 8.40 -6.53
CA VAL A 188 1.38 9.04 -5.26
CA VAL A 188 1.39 9.04 -5.23
C VAL A 188 0.34 10.16 -5.36
C VAL A 188 0.28 10.07 -5.40
N LEU A 189 -0.47 10.30 -4.32
CA LEU A 189 -1.44 11.39 -4.29
C LEU A 189 -0.75 12.61 -3.73
N GLN A 190 -0.74 13.69 -4.50
CA GLN A 190 -0.08 14.93 -4.09
C GLN A 190 -1.02 15.78 -3.26
N SER A 191 -0.48 16.79 -2.57
CA SER A 191 -1.28 17.69 -1.74
C SER A 191 -2.43 18.36 -2.50
N SER A 192 -2.21 18.62 -3.78
CA SER A 192 -3.20 19.23 -4.67
C SER A 192 -4.41 18.35 -4.95
N GLY A 193 -4.31 17.06 -4.64
CA GLY A 193 -5.40 16.15 -4.94
C GLY A 193 -5.22 15.48 -6.28
N LEU A 194 -4.11 15.77 -6.95
CA LEU A 194 -3.76 15.15 -8.23
C LEU A 194 -2.67 14.12 -8.04
N TYR A 195 -2.68 13.10 -8.89
CA TYR A 195 -1.69 12.02 -8.81
C TYR A 195 -0.44 12.33 -9.63
N SER A 196 0.64 11.60 -9.32
CA SER A 196 1.91 11.74 -10.02
C SER A 196 2.67 10.42 -9.91
N LEU A 197 3.39 10.06 -10.97
CA LEU A 197 4.33 8.97 -10.92
C LEU A 197 5.48 9.21 -11.88
N SER A 198 6.51 8.38 -11.75
CA SER A 198 7.62 8.40 -12.69
C SER A 198 7.81 7.01 -13.26
N SER A 199 8.34 6.93 -14.49
CA SER A 199 8.78 5.68 -15.06
C SER A 199 10.22 5.90 -15.47
N VAL A 200 11.09 4.98 -15.09
CA VAL A 200 12.51 5.12 -15.40
C VAL A 200 13.07 3.87 -16.07
N VAL A 201 14.20 4.02 -16.75
CA VAL A 201 14.92 2.88 -17.30
C VAL A 201 16.41 3.15 -17.18
N THR A 202 17.17 2.10 -16.93
CA THR A 202 18.63 2.22 -16.95
C THR A 202 19.18 1.56 -18.20
N VAL A 203 20.17 2.20 -18.80
CA VAL A 203 20.77 1.76 -20.06
C VAL A 203 22.28 2.00 -20.01
N PRO A 204 23.04 1.33 -20.89
CA PRO A 204 24.48 1.64 -20.97
C PRO A 204 24.70 3.08 -21.41
N SER A 205 25.67 3.77 -20.82
CA SER A 205 25.95 5.14 -21.24
C SER A 205 26.30 5.22 -22.73
N SER A 206 26.91 4.16 -23.25
CA SER A 206 27.29 4.08 -24.65
C SER A 206 26.10 4.07 -25.61
N SER A 207 24.90 3.78 -25.08
CA SER A 207 23.67 3.74 -25.88
C SER A 207 23.08 5.12 -26.13
N LEU A 208 23.46 6.11 -25.33
CA LEU A 208 22.84 7.43 -25.45
C LEU A 208 23.26 8.10 -26.75
N GLY A 209 22.37 8.90 -27.32
CA GLY A 209 22.72 9.62 -28.54
C GLY A 209 22.86 8.76 -29.79
N THR A 210 22.65 7.45 -29.66
CA THR A 210 22.37 6.62 -30.82
C THR A 210 20.94 6.04 -30.71
N GLN A 211 20.61 5.54 -29.53
CA GLN A 211 19.32 4.89 -29.31
C GLN A 211 18.28 5.93 -28.93
N THR A 212 17.12 5.86 -29.59
CA THR A 212 16.00 6.72 -29.25
C THR A 212 15.19 6.12 -28.10
N TYR A 213 14.79 6.98 -27.17
CA TYR A 213 13.93 6.58 -26.06
C TYR A 213 12.70 7.46 -26.00
N ILE A 214 11.53 6.83 -26.12
CA ILE A 214 10.26 7.55 -26.11
C ILE A 214 9.35 6.89 -25.10
N CYS A 215 8.83 7.68 -24.17
N CYS A 215 8.78 7.73 -24.24
CA CYS A 215 7.87 7.12 -23.24
CA CYS A 215 7.85 7.30 -23.20
C CYS A 215 6.46 7.40 -23.78
C CYS A 215 6.41 7.46 -23.71
N ASN A 216 5.62 6.38 -23.68
CA ASN A 216 4.25 6.44 -24.18
C ASN A 216 3.28 6.43 -23.00
N VAL A 217 2.58 7.53 -22.80
CA VAL A 217 1.74 7.70 -21.63
C VAL A 217 0.28 7.74 -22.04
N ASN A 218 -0.53 6.87 -21.46
CA ASN A 218 -1.95 6.86 -21.76
C ASN A 218 -2.77 7.09 -20.50
N HIS A 219 -3.72 8.01 -20.58
CA HIS A 219 -4.65 8.27 -19.49
C HIS A 219 -6.06 8.14 -20.02
N LYS A 220 -6.62 6.94 -19.88
CA LYS A 220 -7.94 6.68 -20.45
C LYS A 220 -9.08 7.56 -19.92
N PRO A 221 -9.05 7.97 -18.62
CA PRO A 221 -10.18 8.80 -18.18
C PRO A 221 -10.28 10.16 -18.88
N SER A 222 -9.17 10.69 -19.36
CA SER A 222 -9.19 11.94 -20.13
C SER A 222 -9.06 11.71 -21.62
N ASN A 223 -8.93 10.45 -22.03
CA ASN A 223 -8.70 10.07 -23.42
C ASN A 223 -7.49 10.78 -24.02
N THR A 224 -6.42 10.87 -23.23
CA THR A 224 -5.19 11.49 -23.68
C THR A 224 -4.08 10.47 -23.85
N LYS A 225 -3.30 10.67 -24.91
CA LYS A 225 -2.13 9.85 -25.20
C LYS A 225 -1.00 10.81 -25.50
N VAL A 226 0.13 10.61 -24.84
CA VAL A 226 1.27 11.50 -25.01
C VAL A 226 2.51 10.65 -25.25
N ASP A 227 3.27 10.98 -26.30
CA ASP A 227 4.59 10.40 -26.51
C ASP A 227 5.64 11.46 -26.27
N LYS A 228 6.58 11.17 -25.39
CA LYS A 228 7.63 12.12 -25.04
C LYS A 228 9.00 11.52 -25.34
N ARG A 229 9.75 12.15 -26.25
CA ARG A 229 11.12 11.74 -26.53
C ARG A 229 12.00 12.24 -25.39
N VAL A 230 12.86 11.37 -24.88
CA VAL A 230 13.73 11.71 -23.78
C VAL A 230 15.18 11.72 -24.26
N GLU A 231 15.78 12.91 -24.29
CA GLU A 231 17.11 13.08 -24.86
C GLU A 231 18.09 13.53 -23.79
N PRO A 232 19.37 13.19 -23.96
CA PRO A 232 20.39 13.58 -22.98
C PRO A 232 20.65 15.09 -22.95
N ASP B 1 -9.45 1.65 22.48
CA ASP B 1 -8.63 1.80 23.69
C ASP B 1 -7.48 0.79 23.72
N ILE B 2 -7.65 -0.31 22.98
CA ILE B 2 -6.60 -1.32 22.89
C ILE B 2 -5.81 -1.12 21.61
N GLN B 3 -4.50 -0.98 21.76
CA GLN B 3 -3.60 -0.77 20.63
C GLN B 3 -2.68 -1.97 20.51
N LEU B 4 -2.50 -2.47 19.29
CA LEU B 4 -1.63 -3.60 19.01
C LEU B 4 -0.43 -3.15 18.18
N THR B 5 0.76 -3.48 18.64
CA THR B 5 1.99 -3.13 17.94
C THR B 5 2.73 -4.39 17.56
N GLN B 6 2.95 -4.57 16.26
CA GLN B 6 3.68 -5.71 15.74
C GLN B 6 5.15 -5.39 15.57
N SER B 7 5.97 -6.41 15.75
CA SER B 7 7.39 -6.28 15.48
C SER B 7 7.90 -7.61 14.94
N PRO B 8 8.88 -7.54 14.04
CA PRO B 8 9.42 -6.31 13.44
C PRO B 8 8.45 -5.81 12.38
N ALA B 9 8.73 -4.68 11.77
CA ALA B 9 7.84 -4.15 10.75
C ALA B 9 7.98 -4.95 9.45
N SER B 10 9.16 -5.56 9.28
CA SER B 10 9.47 -6.33 8.09
C SER B 10 10.50 -7.43 8.41
N LEU B 11 10.38 -8.56 7.71
CA LEU B 11 11.24 -9.73 7.91
C LEU B 11 11.61 -10.29 6.54
N SER B 12 12.87 -10.72 6.39
CA SER B 12 13.34 -11.41 5.21
C SER B 12 13.38 -12.90 5.50
N ALA B 13 12.93 -13.72 4.57
CA ALA B 13 12.99 -15.17 4.78
C ALA B 13 13.31 -15.93 3.51
N SER B 14 14.02 -17.04 3.68
CA SER B 14 14.22 -17.99 2.60
C SER B 14 13.25 -19.15 2.83
N VAL B 15 12.92 -19.84 1.75
CA VAL B 15 12.10 -21.04 1.84
C VAL B 15 12.74 -22.02 2.83
N GLY B 16 11.93 -22.50 3.78
CA GLY B 16 12.39 -23.46 4.77
C GLY B 16 12.67 -22.79 6.10
N ASP B 17 12.79 -21.47 6.09
CA ASP B 17 13.08 -20.73 7.32
C ASP B 17 11.92 -20.76 8.30
N THR B 18 12.23 -20.50 9.57
CA THR B 18 11.22 -20.30 10.58
C THR B 18 11.20 -18.82 10.94
N VAL B 19 10.02 -18.22 10.82
CA VAL B 19 9.87 -16.79 11.01
C VAL B 19 8.92 -16.55 12.18
N THR B 20 9.22 -15.54 13.00
CA THR B 20 8.44 -15.22 14.18
C THR B 20 7.99 -13.76 14.15
N ILE B 21 6.69 -13.53 14.30
CA ILE B 21 6.12 -12.19 14.32
C ILE B 21 5.48 -11.99 15.67
N THR B 22 5.78 -10.86 16.31
CA THR B 22 5.25 -10.61 17.66
C THR B 22 4.18 -9.51 17.64
N CYS B 23 3.14 -9.69 18.46
CA CYS B 23 2.08 -8.70 18.62
C CYS B 23 1.99 -8.37 20.10
N ARG B 24 2.19 -7.09 20.44
CA ARG B 24 2.06 -6.65 21.82
C ARG B 24 0.81 -5.78 22.00
N ALA B 25 -0.03 -6.16 22.96
CA ALA B 25 -1.24 -5.41 23.26
C ALA B 25 -1.03 -4.45 24.42
N SER B 26 -1.65 -3.28 24.31
CA SER B 26 -1.50 -2.21 25.30
C SER B 26 -2.18 -2.55 26.62
N GLN B 27 -3.05 -3.55 26.60
CA GLN B 27 -3.58 -4.11 27.84
C GLN B 27 -3.84 -5.61 27.73
N SER B 28 -4.06 -6.24 28.87
CA SER B 28 -4.22 -7.69 28.92
C SER B 28 -5.56 -8.13 28.32
N ILE B 29 -5.48 -9.04 27.36
CA ILE B 29 -6.66 -9.45 26.60
C ILE B 29 -6.78 -10.96 26.48
N LYS B 30 -6.25 -11.68 27.47
CA LYS B 30 -6.32 -13.14 27.52
C LYS B 30 -5.90 -13.74 26.18
N ASP B 31 -6.76 -14.53 25.55
CA ASP B 31 -6.43 -15.13 24.26
C ASP B 31 -7.30 -14.63 23.11
N TYR B 32 -7.86 -13.42 23.24
CA TYR B 32 -8.77 -12.89 22.23
C TYR B 32 -8.03 -12.21 21.06
N ILE B 33 -7.28 -13.01 20.30
CA ILE B 33 -6.43 -12.54 19.21
C ILE B 33 -6.64 -13.37 17.94
N ASN B 34 -6.77 -12.68 16.80
CA ASN B 34 -6.80 -13.30 15.47
C ASN B 34 -5.56 -12.96 14.67
N TRP B 35 -5.16 -13.84 13.76
CA TRP B 35 -4.09 -13.52 12.80
C TRP B 35 -4.58 -13.68 11.38
N TYR B 36 -4.24 -12.72 10.52
CA TYR B 36 -4.59 -12.77 9.11
C TYR B 36 -3.36 -12.65 8.23
N GLN B 37 -3.47 -13.22 7.03
CA GLN B 37 -2.48 -13.11 5.96
C GLN B 37 -3.05 -12.31 4.79
N HIS B 38 -2.27 -11.39 4.25
CA HIS B 38 -2.71 -10.61 3.10
C HIS B 38 -1.61 -10.49 2.05
N LYS B 39 -1.81 -11.15 0.91
CA LYS B 39 -0.96 -10.89 -0.25
C LYS B 39 -1.60 -9.81 -1.11
N SER B 40 -0.79 -8.91 -1.66
CA SER B 40 -1.30 -7.84 -2.51
C SER B 40 -2.02 -8.41 -3.74
N GLY B 41 -3.18 -7.87 -4.05
CA GLY B 41 -3.95 -8.34 -5.19
C GLY B 41 -4.77 -9.58 -4.88
N SER B 42 -4.98 -9.84 -3.59
CA SER B 42 -5.85 -10.95 -3.20
C SER B 42 -6.47 -10.65 -1.84
N ALA B 43 -7.63 -11.23 -1.59
CA ALA B 43 -8.37 -11.00 -0.35
C ALA B 43 -7.58 -11.48 0.86
N PRO B 44 -7.67 -10.76 1.98
CA PRO B 44 -7.07 -11.25 3.22
C PRO B 44 -7.65 -12.61 3.62
N ARG B 45 -6.86 -13.36 4.38
CA ARG B 45 -7.21 -14.72 4.76
C ARG B 45 -6.99 -14.90 6.26
N LEU B 46 -7.99 -15.43 6.95
CA LEU B 46 -7.85 -15.78 8.35
C LEU B 46 -6.96 -16.99 8.55
N LEU B 47 -6.00 -16.87 9.47
CA LEU B 47 -5.12 -18.01 9.80
C LEU B 47 -5.49 -18.68 11.12
N ILE B 48 -5.64 -17.85 12.15
CA ILE B 48 -5.71 -18.28 13.54
C ILE B 48 -6.69 -17.39 14.31
N TYR B 49 -7.50 -18.01 15.15
CA TYR B 49 -8.31 -17.27 16.11
C TYR B 49 -8.09 -17.81 17.52
N ALA B 50 -8.58 -17.09 18.53
CA ALA B 50 -8.37 -17.49 19.94
C ALA B 50 -6.88 -17.69 20.26
N ALA B 51 -6.06 -16.82 19.68
CA ALA B 51 -4.60 -16.85 19.82
C ALA B 51 -3.88 -18.06 19.24
N SER B 52 -4.46 -19.25 19.35
CA SER B 52 -3.74 -20.46 18.95
C SER B 52 -4.54 -21.46 18.13
N THR B 53 -5.81 -21.17 17.87
CA THR B 53 -6.64 -22.12 17.15
C THR B 53 -6.54 -21.93 15.65
N LEU B 54 -6.06 -22.97 14.99
CA LEU B 54 -5.84 -22.92 13.57
C LEU B 54 -7.17 -23.04 12.83
N GLN B 55 -7.43 -22.11 11.91
CA GLN B 55 -8.65 -22.19 11.12
C GLN B 55 -8.63 -23.40 10.19
N SER B 56 -9.80 -24.00 9.97
CA SER B 56 -9.91 -25.12 9.02
C SER B 56 -9.36 -24.75 7.64
N GLY B 57 -8.58 -25.64 7.06
CA GLY B 57 -8.02 -25.44 5.73
C GLY B 57 -6.65 -24.81 5.73
N ILE B 58 -6.21 -24.30 6.88
CA ILE B 58 -4.91 -23.64 6.99
C ILE B 58 -3.81 -24.62 7.39
N SER B 59 -2.64 -24.48 6.77
CA SER B 59 -1.51 -25.36 7.05
C SER B 59 -1.07 -25.30 8.51
N SER B 60 -0.70 -26.45 9.05
CA SER B 60 -0.24 -26.52 10.42
C SER B 60 1.14 -25.89 10.59
N ARG B 61 1.76 -25.45 9.49
CA ARG B 61 3.02 -24.73 9.60
C ARG B 61 2.83 -23.37 10.28
N PHE B 62 1.59 -22.88 10.31
CA PHE B 62 1.28 -21.66 11.06
C PHE B 62 0.88 -22.01 12.49
N THR B 63 1.54 -21.40 13.46
N THR B 63 1.54 -21.36 13.45
CA THR B 63 1.21 -21.64 14.86
CA THR B 63 1.30 -21.63 14.87
C THR B 63 1.13 -20.33 15.62
C THR B 63 1.13 -20.31 15.63
N GLY B 64 0.08 -20.21 16.43
CA GLY B 64 -0.12 -19.02 17.23
C GLY B 64 0.08 -19.33 18.69
N SER B 65 0.68 -18.39 19.41
CA SER B 65 0.92 -18.56 20.83
C SER B 65 0.74 -17.26 21.61
N GLY B 66 0.65 -17.38 22.93
CA GLY B 66 0.61 -16.23 23.81
C GLY B 66 -0.72 -16.02 24.52
N SER B 67 -0.67 -15.23 25.58
CA SER B 67 -1.85 -14.87 26.34
C SER B 67 -1.52 -13.64 27.18
N GLY B 68 -2.48 -12.73 27.28
CA GLY B 68 -2.28 -11.52 28.04
C GLY B 68 -1.94 -10.34 27.15
N THR B 69 -0.67 -10.00 27.09
CA THR B 69 -0.24 -8.84 26.31
C THR B 69 0.74 -9.16 25.19
N GLN B 70 1.27 -10.38 25.17
CA GLN B 70 2.27 -10.72 24.15
C GLN B 70 1.88 -11.97 23.37
N PHE B 71 1.81 -11.82 22.05
CA PHE B 71 1.35 -12.88 21.15
C PHE B 71 2.35 -13.12 20.03
N THR B 72 2.48 -14.36 19.59
CA THR B 72 3.40 -14.66 18.50
C THR B 72 2.74 -15.49 17.42
N LEU B 73 3.05 -15.15 16.17
CA LEU B 73 2.72 -15.98 15.03
C LEU B 73 4.05 -16.55 14.55
N THR B 74 4.15 -17.88 14.51
CA THR B 74 5.34 -18.52 13.97
C THR B 74 4.99 -19.18 12.64
N ILE B 75 5.82 -18.93 11.63
CA ILE B 75 5.66 -19.60 10.35
C ILE B 75 6.83 -20.58 10.19
N ASN B 76 6.55 -21.86 10.37
CA ASN B 76 7.59 -22.88 10.21
C ASN B 76 7.73 -23.27 8.75
N SER B 77 8.92 -23.73 8.38
CA SER B 77 9.16 -24.33 7.07
C SER B 77 8.56 -23.46 5.99
N LEU B 78 8.93 -22.18 6.01
CA LEU B 78 8.29 -21.18 5.15
C LEU B 78 8.26 -21.59 3.67
N GLN B 79 7.11 -21.42 3.03
CA GLN B 79 6.93 -21.75 1.62
C GLN B 79 6.74 -20.47 0.81
N PRO B 80 6.98 -20.52 -0.51
CA PRO B 80 6.87 -19.32 -1.35
C PRO B 80 5.51 -18.62 -1.28
N GLU B 81 4.45 -19.38 -1.05
CA GLU B 81 3.13 -18.76 -0.94
C GLU B 81 2.98 -17.96 0.36
N ASP B 82 3.99 -17.96 1.22
CA ASP B 82 3.88 -17.27 2.50
C ASP B 82 4.42 -15.84 2.48
N PHE B 83 5.03 -15.43 1.37
CA PHE B 83 5.47 -14.03 1.24
C PHE B 83 4.24 -13.14 1.12
N ALA B 84 4.06 -12.27 2.12
CA ALA B 84 2.78 -11.61 2.38
C ALA B 84 2.92 -10.67 3.56
N THR B 85 1.86 -9.94 3.84
CA THR B 85 1.78 -9.10 5.04
C THR B 85 0.85 -9.76 6.04
N TYR B 86 1.26 -9.77 7.30
CA TYR B 86 0.51 -10.46 8.36
C TYR B 86 0.00 -9.45 9.38
N TYR B 87 -1.24 -9.64 9.82
CA TYR B 87 -1.87 -8.72 10.77
C TYR B 87 -2.43 -9.48 11.94
N CYS B 88 -2.18 -8.96 13.15
CA CYS B 88 -2.92 -9.41 14.32
C CYS B 88 -4.14 -8.53 14.52
N GLN B 89 -5.11 -9.06 15.25
CA GLN B 89 -6.33 -8.31 15.55
C GLN B 89 -6.88 -8.72 16.91
N GLU B 90 -7.31 -7.76 17.72
CA GLU B 90 -7.93 -8.09 19.01
C GLU B 90 -9.44 -8.19 18.88
N ALA B 91 -10.03 -9.09 19.64
CA ALA B 91 -11.47 -9.25 19.67
C ALA B 91 -11.94 -9.36 21.11
N TYR B 92 -11.40 -8.49 21.96
CA TYR B 92 -11.62 -8.57 23.41
C TYR B 92 -12.85 -7.82 23.93
N ASN B 93 -13.11 -6.64 23.37
CA ASN B 93 -14.14 -5.76 23.91
C ASN B 93 -15.57 -6.25 23.64
N THR B 94 -16.45 -6.15 24.63
CA THR B 94 -17.84 -6.53 24.44
C THR B 94 -18.50 -5.59 23.43
N ASN B 95 -18.28 -4.29 23.61
CA ASN B 95 -18.59 -3.32 22.58
C ASN B 95 -17.37 -3.25 21.67
N PRO B 96 -17.48 -3.86 20.48
CA PRO B 96 -16.29 -4.18 19.68
C PRO B 96 -15.50 -2.99 19.17
N THR B 97 -14.18 -3.15 19.20
CA THR B 97 -13.26 -2.23 18.54
C THR B 97 -12.53 -2.95 17.42
N LEU B 98 -12.23 -4.23 17.62
CA LEU B 98 -11.62 -5.06 16.59
C LEU B 98 -10.40 -4.42 15.93
N SER B 99 -9.54 -3.86 16.78
CA SER B 99 -8.33 -3.17 16.36
C SER B 99 -7.32 -4.13 15.75
N PHE B 100 -6.69 -3.68 14.66
CA PHE B 100 -5.64 -4.46 14.01
C PHE B 100 -4.28 -3.90 14.38
N GLY B 101 -3.26 -4.77 14.38
CA GLY B 101 -1.89 -4.32 14.38
C GLY B 101 -1.57 -3.65 13.04
N GLN B 102 -0.40 -3.04 12.94
CA GLN B 102 -0.06 -2.25 11.77
C GLN B 102 0.42 -3.10 10.59
N GLY B 103 0.64 -4.38 10.83
CA GLY B 103 1.10 -5.29 9.79
C GLY B 103 2.60 -5.52 9.79
N THR B 104 2.99 -6.74 9.42
CA THR B 104 4.40 -7.11 9.27
C THR B 104 4.60 -7.71 7.89
N ARG B 105 5.49 -7.13 7.09
CA ARG B 105 5.81 -7.69 5.78
C ARG B 105 6.84 -8.81 5.87
N VAL B 106 6.57 -9.92 5.21
CA VAL B 106 7.54 -10.99 5.06
C VAL B 106 7.91 -11.09 3.58
N ASP B 107 9.16 -10.80 3.24
CA ASP B 107 9.58 -10.88 1.84
C ASP B 107 10.65 -11.93 1.61
N LYS B 108 11.06 -12.07 0.35
CA LYS B 108 12.01 -13.10 -0.03
C LYS B 108 13.44 -12.63 0.15
N LYS B 109 14.21 -13.39 0.92
CA LYS B 109 15.60 -13.05 1.16
C LYS B 109 16.46 -13.25 -0.08
N ARG B 110 17.39 -12.32 -0.29
CA ARG B 110 18.44 -12.47 -1.30
C ARG B 110 19.69 -11.84 -0.74
N THR B 111 20.79 -11.96 -1.47
CA THR B 111 22.03 -11.31 -1.07
C THR B 111 21.83 -9.80 -1.01
N VAL B 112 22.39 -9.15 0.00
CA VAL B 112 22.31 -7.71 0.13
C VAL B 112 22.82 -7.02 -1.15
N ALA B 113 22.07 -6.04 -1.64
CA ALA B 113 22.42 -5.28 -2.83
C ALA B 113 22.24 -3.80 -2.55
N ALA B 114 23.33 -3.06 -2.65
CA ALA B 114 23.29 -1.62 -2.50
C ALA B 114 22.58 -0.99 -3.68
N PRO B 115 21.86 0.12 -3.43
CA PRO B 115 21.20 0.79 -4.55
C PRO B 115 22.19 1.57 -5.41
N SER B 116 21.91 1.61 -6.71
N SER B 116 21.94 1.59 -6.72
CA SER B 116 22.53 2.59 -7.60
CA SER B 116 22.54 2.59 -7.57
C SER B 116 21.66 3.86 -7.48
C SER B 116 21.67 3.84 -7.40
N VAL B 117 22.30 5.00 -7.28
CA VAL B 117 21.58 6.22 -7.00
C VAL B 117 21.77 7.24 -8.11
N PHE B 118 20.67 7.86 -8.52
CA PHE B 118 20.65 8.81 -9.63
C PHE B 118 19.83 10.02 -9.23
N ILE B 119 20.25 11.22 -9.64
CA ILE B 119 19.45 12.42 -9.38
C ILE B 119 19.13 13.14 -10.68
N PHE B 120 17.91 13.68 -10.74
CA PHE B 120 17.43 14.42 -11.91
C PHE B 120 16.97 15.81 -11.49
N PRO B 121 17.58 16.85 -12.07
CA PRO B 121 17.06 18.20 -11.87
C PRO B 121 15.72 18.36 -12.60
N PRO B 122 14.98 19.44 -12.32
CA PRO B 122 13.75 19.64 -13.08
C PRO B 122 14.04 20.01 -14.52
N SER B 123 13.15 19.61 -15.42
CA SER B 123 13.25 20.03 -16.83
C SER B 123 12.93 21.51 -16.97
N ASP B 124 13.45 22.15 -18.01
CA ASP B 124 13.15 23.55 -18.27
C ASP B 124 11.65 23.73 -18.54
N GLU B 125 11.06 22.73 -19.19
CA GLU B 125 9.65 22.80 -19.54
C GLU B 125 8.77 22.80 -18.30
N GLN B 126 9.20 22.10 -17.26
CA GLN B 126 8.40 22.07 -16.04
C GLN B 126 8.40 23.39 -15.30
N LEU B 127 9.56 24.04 -15.25
CA LEU B 127 9.64 25.34 -14.57
C LEU B 127 8.59 26.32 -15.08
N LYS B 128 8.34 26.27 -16.39
CA LYS B 128 7.32 27.12 -17.00
C LYS B 128 5.92 26.84 -16.46
N SER B 129 5.70 25.62 -15.98
CA SER B 129 4.41 25.23 -15.39
C SER B 129 4.24 25.76 -13.97
N GLY B 130 5.33 26.25 -13.39
CA GLY B 130 5.28 26.83 -12.05
C GLY B 130 5.82 25.94 -10.95
N THR B 131 6.18 24.70 -11.29
CA THR B 131 6.67 23.74 -10.31
C THR B 131 8.04 23.20 -10.70
N ALA B 132 8.83 22.80 -9.72
CA ALA B 132 10.08 22.09 -9.98
C ALA B 132 10.09 20.81 -9.19
N SER B 133 10.22 19.68 -9.89
CA SER B 133 10.33 18.41 -9.22
C SER B 133 11.74 17.92 -9.39
N VAL B 134 12.38 17.61 -8.26
N VAL B 134 12.38 17.58 -8.28
CA VAL B 134 13.68 16.98 -8.34
CA VAL B 134 13.71 17.00 -8.36
C VAL B 134 13.52 15.53 -7.90
C VAL B 134 13.62 15.56 -7.87
N VAL B 135 14.07 14.62 -8.70
CA VAL B 135 13.87 13.20 -8.45
C VAL B 135 15.16 12.48 -8.10
N CYS B 136 15.11 11.71 -7.01
CA CYS B 136 16.24 10.88 -6.61
C CYS B 136 15.77 9.44 -6.79
N LEU B 137 16.52 8.67 -7.58
CA LEU B 137 16.17 7.28 -7.90
C LEU B 137 17.15 6.34 -7.21
N LEU B 138 16.61 5.36 -6.50
CA LEU B 138 17.39 4.30 -5.86
C LEU B 138 17.02 3.02 -6.59
N ASN B 139 17.98 2.43 -7.30
CA ASN B 139 17.64 1.32 -8.18
C ASN B 139 18.18 -0.03 -7.73
N ASN B 140 17.31 -1.03 -7.77
CA ASN B 140 17.67 -2.45 -7.59
C ASN B 140 18.43 -2.79 -6.32
N PHE B 141 17.80 -2.51 -5.19
CA PHE B 141 18.42 -2.75 -3.89
C PHE B 141 17.67 -3.78 -3.04
N TYR B 142 18.37 -4.32 -2.05
CA TYR B 142 17.79 -5.24 -1.08
C TYR B 142 18.65 -5.21 0.18
N PRO B 143 18.05 -5.20 1.38
CA PRO B 143 16.61 -5.23 1.71
C PRO B 143 15.88 -3.91 1.42
N ARG B 144 14.57 -3.92 1.71
CA ARG B 144 13.66 -2.86 1.31
C ARG B 144 13.91 -1.53 2.03
N GLU B 145 14.48 -1.61 3.23
CA GLU B 145 14.67 -0.39 4.05
C GLU B 145 15.69 0.53 3.41
N ALA B 146 15.31 1.79 3.24
CA ALA B 146 16.22 2.80 2.71
C ALA B 146 15.80 4.13 3.30
N LYS B 147 16.79 4.92 3.73
CA LYS B 147 16.50 6.23 4.22
C LYS B 147 16.98 7.20 3.16
N VAL B 148 16.12 8.13 2.79
CA VAL B 148 16.44 9.16 1.81
C VAL B 148 16.12 10.51 2.41
N GLN B 149 17.14 11.36 2.52
CA GLN B 149 16.97 12.67 3.12
C GLN B 149 17.43 13.75 2.13
N TRP B 150 16.65 14.81 2.01
CA TRP B 150 17.00 15.93 1.12
C TRP B 150 17.62 17.10 1.86
N LYS B 151 18.54 17.78 1.20
CA LYS B 151 19.13 19.02 1.68
C LYS B 151 19.15 20.01 0.53
N VAL B 152 18.76 21.24 0.81
CA VAL B 152 18.88 22.32 -0.17
C VAL B 152 19.74 23.40 0.47
N ASP B 153 20.88 23.71 -0.15
CA ASP B 153 21.85 24.63 0.41
C ASP B 153 22.19 24.29 1.87
N ASN B 154 22.40 23.00 2.13
CA ASN B 154 22.78 22.50 3.45
C ASN B 154 21.71 22.57 4.54
N ALA B 155 20.46 22.85 4.14
CA ALA B 155 19.35 22.82 5.08
C ALA B 155 18.49 21.58 4.86
N LEU B 156 18.29 20.80 5.93
CA LEU B 156 17.41 19.63 5.87
C LEU B 156 16.02 20.03 5.39
N GLN B 157 15.43 19.18 4.56
CA GLN B 157 14.09 19.42 4.04
C GLN B 157 13.07 18.55 4.77
N SER B 158 11.99 19.17 5.20
CA SER B 158 10.89 18.47 5.84
C SER B 158 9.55 18.86 5.20
N GLY B 159 8.77 17.84 4.84
CA GLY B 159 7.40 18.04 4.43
C GLY B 159 7.16 18.29 2.94
N ASN B 160 8.23 18.28 2.14
CA ASN B 160 8.10 18.58 0.73
C ASN B 160 8.60 17.47 -0.23
N SER B 161 8.66 16.25 0.27
CA SER B 161 9.03 15.12 -0.57
C SER B 161 8.05 13.95 -0.40
N GLN B 162 7.97 13.13 -1.43
CA GLN B 162 7.15 11.92 -1.40
C GLN B 162 7.93 10.78 -2.00
N GLU B 163 7.79 9.60 -1.41
CA GLU B 163 8.47 8.41 -1.88
C GLU B 163 7.49 7.44 -2.52
N SER B 164 7.99 6.67 -3.47
CA SER B 164 7.24 5.56 -4.04
C SER B 164 8.18 4.39 -4.20
N VAL B 165 7.71 3.19 -3.87
CA VAL B 165 8.55 2.00 -3.92
C VAL B 165 7.87 0.92 -4.74
N THR B 166 8.65 0.19 -5.54
CA THR B 166 8.11 -0.92 -6.30
C THR B 166 7.83 -2.12 -5.38
N GLU B 167 7.03 -3.05 -5.89
CA GLU B 167 6.91 -4.36 -5.25
C GLU B 167 8.21 -5.10 -5.45
N GLN B 168 8.46 -6.10 -4.62
CA GLN B 168 9.67 -6.88 -4.79
C GLN B 168 9.68 -7.58 -6.16
N ASP B 169 10.81 -7.48 -6.86
CA ASP B 169 10.89 -8.04 -8.20
C ASP B 169 10.79 -9.56 -8.16
N SER B 170 9.95 -10.13 -9.03
CA SER B 170 9.72 -11.57 -8.99
C SER B 170 10.92 -12.38 -9.49
N LYS B 171 11.79 -11.75 -10.27
CA LYS B 171 12.95 -12.44 -10.81
C LYS B 171 14.21 -12.24 -9.96
N ASP B 172 14.53 -11.00 -9.60
CA ASP B 172 15.79 -10.74 -8.91
C ASP B 172 15.64 -10.37 -7.44
N SER B 173 14.39 -10.26 -6.98
CA SER B 173 14.08 -10.00 -5.57
C SER B 173 14.51 -8.65 -5.02
N THR B 174 14.77 -7.70 -5.92
CA THR B 174 15.14 -6.35 -5.50
C THR B 174 13.96 -5.39 -5.50
N TYR B 175 14.23 -4.22 -4.94
CA TYR B 175 13.31 -3.10 -4.93
C TYR B 175 13.92 -1.90 -5.64
N SER B 176 13.06 -0.98 -6.10
CA SER B 176 13.52 0.32 -6.53
C SER B 176 12.64 1.37 -5.86
N LEU B 177 13.16 2.58 -5.72
CA LEU B 177 12.46 3.62 -4.97
C LEU B 177 12.71 4.96 -5.63
N SER B 178 11.68 5.80 -5.66
CA SER B 178 11.85 7.18 -6.06
C SER B 178 11.52 8.09 -4.87
N SER B 179 12.27 9.16 -4.72
CA SER B 179 11.93 10.22 -3.79
C SER B 179 11.87 11.49 -4.61
N THR B 180 10.75 12.20 -4.53
CA THR B 180 10.58 13.39 -5.35
C THR B 180 10.41 14.60 -4.44
N LEU B 181 11.27 15.59 -4.61
CA LEU B 181 11.18 16.83 -3.85
C LEU B 181 10.44 17.85 -4.71
N THR B 182 9.42 18.48 -4.15
CA THR B 182 8.61 19.42 -4.90
C THR B 182 8.78 20.82 -4.34
N LEU B 183 9.18 21.75 -5.19
CA LEU B 183 9.15 23.16 -4.81
C LEU B 183 8.60 24.03 -5.94
N SER B 184 8.14 25.22 -5.59
CA SER B 184 7.68 26.12 -6.63
C SER B 184 8.87 26.60 -7.42
N LYS B 185 8.61 27.10 -8.61
CA LYS B 185 9.66 27.66 -9.44
C LYS B 185 10.42 28.73 -8.68
N ALA B 186 9.67 29.56 -7.96
CA ALA B 186 10.24 30.67 -7.20
C ALA B 186 11.31 30.22 -6.21
N ASP B 187 11.11 29.07 -5.58
CA ASP B 187 12.06 28.59 -4.57
C ASP B 187 13.26 27.89 -5.20
N TYR B 188 13.02 27.19 -6.30
CA TYR B 188 14.09 26.53 -7.04
C TYR B 188 15.07 27.55 -7.59
N GLU B 189 14.53 28.73 -7.93
CA GLU B 189 15.29 29.83 -8.52
C GLU B 189 16.29 30.42 -7.53
N LYS B 190 15.94 30.40 -6.25
CA LYS B 190 16.76 31.03 -5.23
C LYS B 190 17.97 30.17 -4.87
N HIS B 191 17.69 28.96 -4.38
CA HIS B 191 18.71 28.11 -3.78
C HIS B 191 19.66 27.51 -4.82
N LYS B 192 20.83 27.06 -4.35
CA LYS B 192 21.93 26.70 -5.24
C LYS B 192 22.19 25.21 -5.32
N VAL B 193 22.23 24.54 -4.17
CA VAL B 193 22.64 23.14 -4.11
C VAL B 193 21.49 22.23 -3.71
N TYR B 194 21.32 21.15 -4.47
CA TYR B 194 20.26 20.18 -4.20
C TYR B 194 20.85 18.79 -4.04
N ALA B 195 20.54 18.14 -2.92
CA ALA B 195 21.21 16.88 -2.60
C ALA B 195 20.29 15.88 -1.95
N CYS B 196 20.51 14.61 -2.30
N CYS B 196 20.36 14.63 -2.41
CA CYS B 196 19.74 13.49 -1.79
CA CYS B 196 19.72 13.55 -1.66
C CYS B 196 20.71 12.49 -1.12
C CYS B 196 20.77 12.63 -1.07
N GLU B 197 20.58 12.29 0.19
CA GLU B 197 21.50 11.38 0.89
C GLU B 197 20.79 10.08 1.20
N VAL B 198 21.44 8.98 0.85
CA VAL B 198 20.84 7.66 0.94
C VAL B 198 21.58 6.77 1.94
N THR B 199 20.85 6.21 2.90
CA THR B 199 21.40 5.21 3.81
C THR B 199 20.78 3.86 3.52
N HIS B 200 21.63 2.87 3.25
CA HIS B 200 21.17 1.52 3.01
C HIS B 200 22.17 0.55 3.62
N GLN B 201 21.66 -0.58 4.10
CA GLN B 201 22.48 -1.62 4.72
C GLN B 201 23.65 -2.09 3.85
N GLY B 202 23.46 -2.06 2.54
CA GLY B 202 24.45 -2.51 1.59
C GLY B 202 25.61 -1.56 1.42
N LEU B 203 25.57 -0.46 2.17
CA LEU B 203 26.63 0.53 2.21
C LEU B 203 27.03 0.89 3.65
N SER B 204 28.32 0.86 3.93
CA SER B 204 28.83 1.18 5.27
C SER B 204 28.81 2.69 5.53
N SER B 205 28.62 3.46 4.45
CA SER B 205 28.48 4.90 4.57
C SER B 205 27.37 5.35 3.63
N PRO B 206 26.74 6.48 3.97
CA PRO B 206 25.68 7.00 3.12
C PRO B 206 26.22 7.50 1.78
N VAL B 207 25.39 7.46 0.75
CA VAL B 207 25.75 8.00 -0.56
C VAL B 207 24.96 9.26 -0.85
N THR B 208 25.64 10.32 -1.27
CA THR B 208 24.99 11.57 -1.63
C THR B 208 25.15 11.83 -3.12
N LYS B 209 24.03 12.05 -3.81
CA LYS B 209 24.05 12.60 -5.16
C LYS B 209 23.53 14.04 -5.09
N SER B 210 24.24 14.93 -5.75
CA SER B 210 23.96 16.36 -5.62
C SER B 210 24.13 17.04 -6.96
N PHE B 211 23.51 18.21 -7.11
CA PHE B 211 23.81 19.08 -8.23
C PHE B 211 23.65 20.53 -7.85
N ASN B 212 24.29 21.40 -8.62
CA ASN B 212 24.09 22.84 -8.49
C ASN B 212 23.25 23.32 -9.65
N ARG B 213 22.25 24.15 -9.37
CA ARG B 213 21.36 24.65 -10.42
C ARG B 213 22.15 25.35 -11.52
N GLY B 214 21.76 25.13 -12.77
CA GLY B 214 22.46 25.68 -13.91
C GLY B 214 23.02 24.62 -14.82
#